data_5A5L
#
_entry.id   5A5L
#
_cell.length_a   143.090
_cell.length_b   143.090
_cell.length_c   76.430
_cell.angle_alpha   90.00
_cell.angle_beta   90.00
_cell.angle_gamma   90.00
#
_symmetry.space_group_name_H-M   'I 41 2 2'
#
loop_
_entity.id
_entity.type
_entity.pdbx_description
1 polymer 'D-FRUCTOSE 1,6-BISPHOSPHATASE CLASS 2/SEDOHEPTULOSE 1,7-BISPHOSPHATASE'
2 non-polymer 'PHOSPHATE ION'
3 non-polymer 7-O-phosphono-alpha-L-galacto-hept-2-ulopyranose
4 non-polymer 'MAGNESIUM ION'
5 water water
#
_entity_poly.entity_id   1
_entity_poly.type   'polypeptide(L)'
_entity_poly.pdbx_seq_one_letter_code
;MRGSHHHHHHGLVPRGSMDNVIGLEIIEVVEQAAIASARWMGKGDKNMADQAAVDAMRNRMNQIHMRGRIVIGEGERDEA
PMLYIGEEVGICTRPDAAQYCNPEELIEIDIAVDPCEGTNLCAYGQPGSMAVLAISEKGGLFAAPDFYMKKLAAPPAAKG
KVDIRNSATENLKILSECLDRAIDELVVVVMKRDRHNDLIQEIRDAGARVQLISDGDVSAALACAFSGTNIHALMGIGAA
PEGVISAAAMRALGGHFQGQLVYDPAVVMTKEWANRTREGNLEELKKAGITDPDKVYEAEELASGETVLFAACGITPGML
MKGVRFFKGGARTQSLVISTQSKTARFVDTIHMFDQQLKSLQLY
;
_entity_poly.pdbx_strand_id   A
#
# COMPACT_ATOMS: atom_id res chain seq x y z
N SER A 17 3.20 10.48 -21.69
CA SER A 17 3.82 9.91 -20.49
C SER A 17 4.33 11.01 -19.56
N MET A 18 4.16 10.79 -18.26
CA MET A 18 4.49 11.80 -17.25
C MET A 18 6.00 12.09 -17.17
N ASP A 19 6.34 13.15 -16.44
CA ASP A 19 7.73 13.59 -16.30
C ASP A 19 8.55 12.56 -15.53
N ASN A 20 9.64 12.10 -16.12
CA ASN A 20 10.56 11.15 -15.48
C ASN A 20 11.10 11.66 -14.14
N VAL A 21 11.18 12.98 -14.00
CA VAL A 21 11.70 13.60 -12.79
C VAL A 21 10.89 13.15 -11.55
N ILE A 22 9.60 12.89 -11.74
CA ILE A 22 8.72 12.51 -10.62
C ILE A 22 9.16 11.20 -9.94
N GLY A 23 9.65 10.26 -10.74
CA GLY A 23 10.17 9.00 -10.23
C GLY A 23 11.43 9.15 -9.38
N LEU A 24 12.05 10.31 -9.46
CA LEU A 24 13.20 10.65 -8.62
C LEU A 24 12.76 11.42 -7.37
N GLU A 25 11.87 12.39 -7.55
CA GLU A 25 11.46 13.23 -6.43
C GLU A 25 10.73 12.44 -5.34
N ILE A 26 10.04 11.36 -5.71
CA ILE A 26 9.26 10.61 -4.74
C ILE A 26 10.16 9.89 -3.75
N ILE A 27 11.42 9.70 -4.11
CA ILE A 27 12.42 9.25 -3.17
C ILE A 27 12.37 10.15 -1.94
N GLU A 28 12.45 11.45 -2.17
CA GLU A 28 12.45 12.43 -1.10
C GLU A 28 11.10 12.56 -0.40
N VAL A 29 10.02 12.28 -1.13
CA VAL A 29 8.70 12.34 -0.52
C VAL A 29 8.53 11.28 0.57
N VAL A 30 8.84 10.02 0.25
CA VAL A 30 8.69 8.98 1.26
C VAL A 30 9.75 9.11 2.34
N GLU A 31 10.93 9.63 2.01
CA GLU A 31 11.97 9.86 3.02
C GLU A 31 11.53 10.87 4.07
N GLN A 32 10.98 11.98 3.60
CA GLN A 32 10.60 13.07 4.48
C GLN A 32 9.41 12.66 5.33
N ALA A 33 8.46 11.97 4.71
CA ALA A 33 7.29 11.48 5.43
C ALA A 33 7.71 10.49 6.54
N ALA A 34 8.63 9.58 6.19
CA ALA A 34 9.11 8.57 7.13
C ALA A 34 9.84 9.20 8.31
N ILE A 35 10.70 10.15 8.00
CA ILE A 35 11.48 10.83 9.02
C ILE A 35 10.55 11.51 10.03
N ALA A 36 9.55 12.20 9.52
CA ALA A 36 8.64 12.97 10.36
C ALA A 36 7.81 12.05 11.26
N SER A 37 7.31 10.96 10.67
CA SER A 37 6.56 9.94 11.39
C SER A 37 7.44 9.25 12.44
N ALA A 38 8.70 9.01 12.08
CA ALA A 38 9.64 8.31 12.97
C ALA A 38 9.95 9.16 14.20
N ARG A 39 9.73 10.47 14.10
CA ARG A 39 9.91 11.31 15.25
C ARG A 39 8.92 10.94 16.35
N TRP A 40 7.83 10.25 15.99
CA TRP A 40 6.89 9.80 17.01
C TRP A 40 6.96 8.29 17.30
N MET A 41 7.99 7.63 16.79
CA MET A 41 8.20 6.23 17.04
C MET A 41 8.28 5.98 18.55
N GLY A 42 7.49 5.02 19.01
CA GLY A 42 7.45 4.64 20.42
C GLY A 42 6.99 5.74 21.36
N LYS A 43 6.15 6.66 20.86
CA LYS A 43 5.60 7.71 21.72
C LYS A 43 4.16 7.41 22.13
N GLY A 44 3.62 6.31 21.60
CA GLY A 44 2.29 5.86 21.98
C GLY A 44 1.12 6.69 21.46
N ASP A 45 1.38 7.47 20.41
CA ASP A 45 0.42 8.42 19.87
C ASP A 45 0.24 8.19 18.37
N LYS A 46 -0.77 7.40 18.01
CA LYS A 46 -0.96 7.05 16.62
C LYS A 46 -1.44 8.26 15.83
N ASN A 47 -2.04 9.24 16.51
CA ASN A 47 -2.47 10.45 15.81
C ASN A 47 -1.33 11.36 15.41
N MET A 48 -0.44 11.65 16.33
CA MET A 48 0.73 12.45 15.99
C MET A 48 1.60 11.77 14.94
N ALA A 49 1.76 10.45 15.04
CA ALA A 49 2.57 9.74 14.05
C ALA A 49 1.98 9.92 12.66
N ASP A 50 0.65 9.84 12.55
CA ASP A 50 -0.01 9.98 11.26
C ASP A 50 0.11 11.43 10.76
N GLN A 51 -0.19 12.39 11.64
CA GLN A 51 -0.22 13.81 11.24
C GLN A 51 1.12 14.35 10.71
N ALA A 52 2.22 13.98 11.37
CA ALA A 52 3.57 14.35 10.95
C ALA A 52 3.90 13.79 9.58
N ALA A 53 3.59 12.51 9.40
CA ALA A 53 3.80 11.83 8.13
C ALA A 53 3.01 12.51 7.01
N VAL A 54 1.72 12.64 7.24
CA VAL A 54 0.81 13.21 6.25
C VAL A 54 1.27 14.62 5.87
N ASP A 55 1.54 15.44 6.88
CA ASP A 55 2.05 16.79 6.67
C ASP A 55 3.37 16.83 5.84
N ALA A 56 4.31 15.94 6.17
CA ALA A 56 5.60 15.96 5.50
C ALA A 56 5.51 15.44 4.05
N MET A 57 4.71 14.39 3.85
CA MET A 57 4.47 13.87 2.51
C MET A 57 3.81 14.93 1.62
N ARG A 58 2.74 15.56 2.10
CA ARG A 58 2.06 16.56 1.29
C ARG A 58 3.01 17.71 0.91
N ASN A 59 3.69 18.28 1.89
CA ASN A 59 4.60 19.41 1.62
C ASN A 59 5.71 19.07 0.62
N ARG A 60 6.23 17.85 0.69
CA ARG A 60 7.29 17.49 -0.24
C ARG A 60 6.68 17.29 -1.65
N MET A 61 5.48 16.72 -1.73
CA MET A 61 4.81 16.55 -3.02
C MET A 61 4.45 17.90 -3.65
N ASN A 62 4.10 18.87 -2.81
CA ASN A 62 3.73 20.20 -3.29
C ASN A 62 4.91 21.01 -3.79
N GLN A 63 6.12 20.46 -3.66
CA GLN A 63 7.32 21.05 -4.27
C GLN A 63 7.66 20.39 -5.60
N ILE A 64 6.95 19.33 -5.97
CA ILE A 64 7.18 18.73 -7.27
C ILE A 64 6.40 19.47 -8.37
N HIS A 65 7.02 19.63 -9.52
CA HIS A 65 6.33 20.16 -10.68
C HIS A 65 5.50 19.06 -11.33
N MET A 66 4.35 18.81 -10.73
CA MET A 66 3.45 17.77 -11.21
C MET A 66 2.01 18.25 -11.04
N ARG A 67 1.11 17.61 -11.76
CA ARG A 67 -0.29 17.98 -11.67
C ARG A 67 -1.06 16.79 -11.14
N GLY A 68 -1.14 16.74 -9.82
CA GLY A 68 -1.59 15.55 -9.15
C GLY A 68 -2.94 15.65 -8.47
N ARG A 69 -3.61 14.51 -8.42
CA ARG A 69 -4.84 14.40 -7.68
C ARG A 69 -4.76 13.19 -6.77
N ILE A 70 -5.10 13.38 -5.50
CA ILE A 70 -5.18 12.28 -4.55
C ILE A 70 -6.46 11.48 -4.76
N VAL A 71 -6.32 10.18 -5.01
CA VAL A 71 -7.48 9.30 -5.24
C VAL A 71 -7.58 8.25 -4.13
N ILE A 72 -6.49 8.06 -3.40
CA ILE A 72 -6.50 7.24 -2.20
C ILE A 72 -5.70 7.99 -1.13
N GLY A 73 -6.30 8.15 0.04
CA GLY A 73 -5.64 8.92 1.08
C GLY A 73 -6.26 8.83 2.44
N GLU A 74 -6.17 9.94 3.19
CA GLU A 74 -6.58 9.94 4.58
C GLU A 74 -8.10 9.80 4.77
N GLY A 75 -8.86 10.07 3.70
CA GLY A 75 -10.31 9.99 3.76
C GLY A 75 -10.95 11.09 2.92
N GLU A 76 -12.27 11.18 2.97
CA GLU A 76 -12.98 12.23 2.25
C GLU A 76 -12.63 13.60 2.82
N ARG A 77 -12.77 14.63 1.99
CA ARG A 77 -12.46 16.01 2.34
C ARG A 77 -13.10 16.44 3.68
N ASP A 78 -14.27 15.88 3.99
CA ASP A 78 -14.91 16.16 5.27
C ASP A 78 -14.19 15.46 6.43
N GLU A 79 -13.76 14.23 6.19
CA GLU A 79 -13.25 13.36 7.25
C GLU A 79 -11.75 13.53 7.49
N ALA A 80 -11.09 14.37 6.69
CA ALA A 80 -9.65 14.41 6.69
C ALA A 80 -9.14 15.70 6.07
N PRO A 81 -8.57 16.58 6.91
CA PRO A 81 -8.16 17.91 6.43
C PRO A 81 -6.98 17.87 5.45
N MET A 82 -6.15 16.82 5.54
CA MET A 82 -4.91 16.78 4.77
C MET A 82 -4.79 15.49 3.97
N LEU A 83 -4.34 15.61 2.72
CA LEU A 83 -4.27 14.49 1.77
C LEU A 83 -5.60 13.75 1.68
N TYR A 84 -6.67 14.52 1.55
CA TYR A 84 -8.01 13.99 1.37
C TYR A 84 -8.21 13.59 -0.07
N ILE A 85 -9.22 12.74 -0.27
CA ILE A 85 -9.58 12.26 -1.59
C ILE A 85 -10.00 13.41 -2.48
N GLY A 86 -9.30 13.58 -3.59
CA GLY A 86 -9.60 14.65 -4.53
C GLY A 86 -8.77 15.90 -4.34
N GLU A 87 -7.91 15.93 -3.33
CA GLU A 87 -7.03 17.08 -3.12
C GLU A 87 -6.00 17.20 -4.26
N GLU A 88 -5.72 18.43 -4.67
CA GLU A 88 -4.75 18.67 -5.70
C GLU A 88 -3.38 18.90 -5.07
N VAL A 89 -2.36 18.22 -5.59
CA VAL A 89 -0.99 18.32 -5.08
C VAL A 89 -0.01 18.49 -6.23
N GLY A 90 1.06 19.25 -5.98
CA GLY A 90 2.02 19.57 -7.03
C GLY A 90 1.88 21.01 -7.49
N ILE A 91 2.97 21.61 -7.95
CA ILE A 91 2.97 23.01 -8.34
C ILE A 91 2.09 23.27 -9.55
N CYS A 92 1.93 22.27 -10.40
CA CYS A 92 1.22 22.44 -11.66
C CYS A 92 -0.30 22.28 -11.55
N THR A 93 -0.83 22.23 -10.32
CA THR A 93 -2.28 22.20 -10.10
C THR A 93 -2.80 23.62 -9.98
N ARG A 94 -1.86 24.55 -9.78
CA ARG A 94 -2.17 25.96 -9.68
C ARG A 94 -2.81 26.48 -10.97
N PRO A 95 -3.76 27.41 -10.84
CA PRO A 95 -4.48 27.97 -12.00
C PRO A 95 -3.57 28.54 -13.09
N ASP A 96 -2.40 29.08 -12.71
CA ASP A 96 -1.49 29.69 -13.67
C ASP A 96 -0.26 28.83 -13.95
N ALA A 97 -0.42 27.52 -13.81
CA ALA A 97 0.67 26.56 -13.97
C ALA A 97 1.37 26.67 -15.32
N ALA A 98 0.65 27.15 -16.34
CA ALA A 98 1.23 27.33 -17.67
C ALA A 98 2.43 28.29 -17.67
N GLN A 99 2.57 29.08 -16.63
CA GLN A 99 3.71 29.97 -16.49
C GLN A 99 4.92 29.28 -15.85
N TYR A 100 4.68 28.21 -15.11
CA TYR A 100 5.74 27.54 -14.37
C TYR A 100 6.07 26.13 -14.89
N CYS A 101 5.15 25.54 -15.64
CA CYS A 101 5.21 24.12 -15.92
C CYS A 101 5.28 23.77 -17.41
N ASN A 102 6.17 22.82 -17.74
CA ASN A 102 6.25 22.24 -19.08
C ASN A 102 5.00 21.45 -19.40
N PRO A 103 4.69 21.25 -20.70
CA PRO A 103 3.55 20.42 -21.12
C PRO A 103 3.58 19.07 -20.42
N GLU A 104 4.76 18.48 -20.46
CA GLU A 104 5.11 17.27 -19.74
C GLU A 104 4.68 17.31 -18.27
N GLU A 105 5.03 18.41 -17.59
CA GLU A 105 4.70 18.53 -16.17
C GLU A 105 3.19 18.78 -15.96
N LEU A 106 2.51 19.24 -17.00
CA LEU A 106 1.07 19.52 -16.94
C LEU A 106 0.19 18.26 -17.08
N ILE A 107 0.81 17.11 -17.32
CA ILE A 107 0.05 15.88 -17.48
C ILE A 107 -0.64 15.49 -16.17
N GLU A 108 -1.93 15.13 -16.25
CA GLU A 108 -2.71 14.81 -15.05
C GLU A 108 -2.38 13.43 -14.52
N ILE A 109 -2.08 13.35 -13.22
CA ILE A 109 -1.75 12.06 -12.62
C ILE A 109 -2.50 11.84 -11.32
N ASP A 110 -2.80 10.58 -11.04
CA ASP A 110 -3.50 10.18 -9.84
C ASP A 110 -2.51 9.57 -8.84
N ILE A 111 -2.72 9.86 -7.56
CA ILE A 111 -1.76 9.49 -6.52
C ILE A 111 -2.47 8.78 -5.38
N ALA A 112 -1.93 7.65 -4.95
CA ALA A 112 -2.45 6.98 -3.77
C ALA A 112 -1.43 7.08 -2.66
N VAL A 113 -1.84 7.56 -1.49
CA VAL A 113 -0.90 7.72 -0.40
C VAL A 113 -1.29 6.97 0.86
N ASP A 114 -0.27 6.43 1.53
CA ASP A 114 -0.39 6.05 2.93
C ASP A 114 0.87 6.53 3.67
N PRO A 115 0.86 7.79 4.12
CA PRO A 115 2.02 8.43 4.74
C PRO A 115 2.60 7.62 5.91
N CYS A 116 1.77 6.90 6.65
CA CYS A 116 2.26 6.02 7.69
C CYS A 116 1.44 4.74 7.71
N GLU A 117 1.90 3.74 6.95
CA GLU A 117 1.16 2.49 6.80
C GLU A 117 1.39 1.66 8.05
N GLY A 118 0.41 1.65 8.96
CA GLY A 118 0.58 1.03 10.25
C GLY A 118 0.99 2.02 11.35
N THR A 119 0.17 3.04 11.56
CA THR A 119 0.39 4.04 12.61
C THR A 119 0.54 3.44 14.01
N ASN A 120 -0.25 2.42 14.31
CA ASN A 120 -0.07 1.66 15.55
C ASN A 120 1.34 1.06 15.70
N LEU A 121 1.87 0.51 14.60
CA LEU A 121 3.21 -0.07 14.62
C LEU A 121 4.25 1.00 14.97
N CYS A 122 4.14 2.18 14.35
CA CYS A 122 5.06 3.27 14.66
C CYS A 122 4.88 3.76 16.11
N ALA A 123 3.64 3.88 16.57
CA ALA A 123 3.38 4.38 17.92
C ALA A 123 3.97 3.48 19.02
N TYR A 124 4.00 2.17 18.80
CA TYR A 124 4.46 1.26 19.85
C TYR A 124 5.78 0.55 19.52
N GLY A 125 6.49 1.05 18.53
CA GLY A 125 7.82 0.55 18.20
C GLY A 125 7.81 -0.84 17.57
N GLN A 126 6.75 -1.14 16.82
CA GLN A 126 6.60 -2.43 16.17
C GLN A 126 7.11 -2.39 14.74
N PRO A 127 7.76 -3.47 14.30
CA PRO A 127 8.17 -3.66 12.92
C PRO A 127 6.99 -3.59 11.94
N GLY A 128 7.25 -3.20 10.69
CA GLY A 128 6.27 -3.30 9.62
C GLY A 128 5.67 -2.00 9.11
N SER A 129 6.06 -0.89 9.72
CA SER A 129 5.53 0.43 9.35
C SER A 129 6.36 1.09 8.21
N MET A 130 5.67 1.70 7.23
CA MET A 130 6.30 2.34 6.07
C MET A 130 5.53 3.56 5.60
N ALA A 131 6.25 4.56 5.08
CA ALA A 131 5.65 5.62 4.31
C ALA A 131 5.61 5.17 2.87
N VAL A 132 4.43 5.22 2.25
CA VAL A 132 4.27 4.61 0.94
C VAL A 132 3.35 5.42 0.03
N LEU A 133 3.66 5.41 -1.26
CA LEU A 133 2.76 6.02 -2.23
C LEU A 133 2.83 5.30 -3.57
N ALA A 134 1.80 5.50 -4.38
CA ALA A 134 1.79 5.04 -5.76
C ALA A 134 1.22 6.11 -6.69
N ILE A 135 1.78 6.18 -7.89
CA ILE A 135 1.38 7.17 -8.88
C ILE A 135 1.14 6.52 -10.25
N SER A 136 0.08 6.96 -10.91
CA SER A 136 -0.15 6.61 -12.31
C SER A 136 -0.78 7.83 -12.97
N GLU A 137 -0.91 7.82 -14.29
CA GLU A 137 -1.62 8.93 -14.93
C GLU A 137 -3.10 8.83 -14.61
N LYS A 138 -3.84 9.90 -14.87
CA LYS A 138 -5.23 10.00 -14.42
C LYS A 138 -6.04 8.76 -14.83
N GLY A 139 -6.91 8.30 -13.93
CA GLY A 139 -7.70 7.10 -14.15
C GLY A 139 -6.92 5.79 -13.96
N GLY A 140 -5.62 5.91 -13.71
CA GLY A 140 -4.76 4.74 -13.66
C GLY A 140 -4.64 4.02 -12.34
N LEU A 141 -5.25 4.57 -11.28
CA LEU A 141 -5.32 3.89 -9.97
C LEU A 141 -6.75 3.83 -9.46
N PHE A 142 -7.22 2.62 -9.15
CA PHE A 142 -8.58 2.44 -8.66
C PHE A 142 -8.81 3.23 -7.39
N ALA A 143 -9.86 4.04 -7.39
CA ALA A 143 -10.23 4.84 -6.24
C ALA A 143 -11.08 4.02 -5.31
N ALA A 144 -10.44 3.12 -4.58
CA ALA A 144 -11.15 2.25 -3.66
C ALA A 144 -11.87 3.06 -2.60
N PRO A 145 -13.09 2.64 -2.27
CA PRO A 145 -13.86 3.16 -1.13
C PRO A 145 -13.29 2.63 0.19
N ASP A 146 -13.71 3.24 1.29
CA ASP A 146 -13.17 2.88 2.59
C ASP A 146 -13.79 1.57 3.07
N PHE A 147 -13.48 0.47 2.38
CA PHE A 147 -14.06 -0.84 2.66
C PHE A 147 -12.96 -1.86 2.95
N TYR A 148 -13.34 -3.01 3.51
CA TYR A 148 -12.40 -4.12 3.63
C TYR A 148 -12.21 -4.78 2.27
N MET A 149 -11.20 -5.61 2.16
CA MET A 149 -10.84 -6.26 0.90
C MET A 149 -10.11 -7.58 1.12
N LYS A 150 -10.67 -8.66 0.55
CA LYS A 150 -9.97 -9.93 0.44
C LYS A 150 -8.80 -9.77 -0.51
N LYS A 151 -7.60 -10.12 -0.06
CA LYS A 151 -6.38 -9.97 -0.86
C LYS A 151 -5.62 -11.28 -1.05
N LEU A 152 -5.09 -11.48 -2.25
CA LEU A 152 -4.11 -12.55 -2.50
C LEU A 152 -2.86 -12.01 -3.17
N ALA A 153 -1.74 -12.10 -2.47
CA ALA A 153 -0.44 -11.63 -2.96
C ALA A 153 0.55 -12.80 -2.97
N ALA A 154 1.43 -12.82 -3.95
CA ALA A 154 2.31 -13.96 -4.15
C ALA A 154 3.44 -13.55 -5.09
N PRO A 155 4.55 -14.32 -5.12
CA PRO A 155 5.70 -13.88 -5.92
C PRO A 155 5.46 -13.98 -7.44
N PRO A 156 6.36 -13.39 -8.24
CA PRO A 156 6.24 -13.41 -9.71
C PRO A 156 6.07 -14.78 -10.32
N ALA A 157 6.73 -15.81 -9.78
CA ALA A 157 6.60 -17.17 -10.33
C ALA A 157 5.16 -17.66 -10.23
N ALA A 158 4.41 -17.07 -9.30
CA ALA A 158 3.06 -17.54 -9.01
C ALA A 158 1.99 -16.70 -9.72
N LYS A 159 2.43 -15.68 -10.45
CA LYS A 159 1.50 -14.72 -11.05
C LYS A 159 0.57 -15.39 -12.07
N GLY A 160 -0.73 -15.25 -11.84
CA GLY A 160 -1.72 -15.86 -12.72
C GLY A 160 -1.82 -17.37 -12.54
N LYS A 161 -1.06 -17.92 -11.61
CA LYS A 161 -1.13 -19.36 -11.36
C LYS A 161 -2.00 -19.61 -10.12
N VAL A 162 -1.75 -18.88 -9.04
CA VAL A 162 -2.65 -18.89 -7.89
C VAL A 162 -3.89 -18.06 -8.24
N ASP A 163 -4.90 -18.11 -7.39
CA ASP A 163 -6.09 -17.29 -7.62
C ASP A 163 -6.88 -17.04 -6.33
N ILE A 164 -7.30 -15.80 -6.14
CA ILE A 164 -8.04 -15.40 -4.95
C ILE A 164 -9.30 -16.26 -4.72
N ARG A 165 -9.88 -16.81 -5.80
CA ARG A 165 -11.12 -17.58 -5.69
C ARG A 165 -10.87 -19.04 -5.25
N ASN A 166 -9.61 -19.45 -5.21
CA ASN A 166 -9.29 -20.78 -4.75
C ASN A 166 -9.26 -20.84 -3.24
N SER A 167 -9.40 -22.04 -2.70
CA SER A 167 -9.19 -22.26 -1.29
C SER A 167 -7.73 -21.98 -0.97
N ALA A 168 -7.46 -21.65 0.29
CA ALA A 168 -6.10 -21.47 0.73
C ALA A 168 -5.30 -22.75 0.49
N THR A 169 -5.94 -23.90 0.67
CA THR A 169 -5.24 -25.17 0.52
C THR A 169 -4.85 -25.43 -0.94
N GLU A 170 -5.72 -25.09 -1.87
CA GLU A 170 -5.40 -25.25 -3.28
C GLU A 170 -4.31 -24.26 -3.69
N ASN A 171 -4.41 -23.03 -3.19
CA ASN A 171 -3.45 -22.00 -3.55
C ASN A 171 -2.06 -22.36 -3.05
N LEU A 172 -1.97 -23.00 -1.88
CA LEU A 172 -0.68 -23.40 -1.33
C LEU A 172 -0.06 -24.50 -2.17
N LYS A 173 -0.88 -25.47 -2.57
CA LYS A 173 -0.47 -26.55 -3.46
C LYS A 173 0.15 -25.99 -4.76
N ILE A 174 -0.55 -25.02 -5.36
CA ILE A 174 -0.07 -24.36 -6.57
C ILE A 174 1.20 -23.56 -6.32
N LEU A 175 1.20 -22.77 -5.25
CA LEU A 175 2.36 -21.98 -4.86
C LEU A 175 3.59 -22.89 -4.63
N SER A 176 3.35 -24.07 -4.07
CA SER A 176 4.39 -25.05 -3.84
C SER A 176 5.12 -25.42 -5.13
N GLU A 177 4.34 -25.76 -6.17
CA GLU A 177 4.88 -26.04 -7.49
C GLU A 177 5.55 -24.83 -8.14
N CYS A 178 4.95 -23.65 -8.00
CA CYS A 178 5.52 -22.44 -8.59
C CYS A 178 6.91 -22.10 -8.04
N LEU A 179 7.06 -22.13 -6.71
CA LEU A 179 8.31 -21.72 -6.07
C LEU A 179 9.29 -22.87 -5.89
N ASP A 180 8.85 -24.08 -6.22
CA ASP A 180 9.69 -25.27 -6.04
C ASP A 180 10.11 -25.43 -4.56
N ARG A 181 9.13 -25.35 -3.67
CA ARG A 181 9.30 -25.45 -2.23
C ARG A 181 8.26 -26.41 -1.65
N ALA A 182 8.65 -27.21 -0.66
CA ALA A 182 7.64 -28.02 0.02
C ALA A 182 6.58 -27.10 0.62
N ILE A 183 5.34 -27.59 0.70
CA ILE A 183 4.23 -26.79 1.22
C ILE A 183 4.45 -26.40 2.68
N ASP A 184 5.14 -27.27 3.41
CA ASP A 184 5.39 -27.05 4.83
C ASP A 184 6.52 -26.03 5.04
N GLU A 185 7.02 -25.47 3.94
CA GLU A 185 7.99 -24.39 4.03
C GLU A 185 7.48 -23.11 3.38
N LEU A 186 6.19 -23.06 3.11
CA LEU A 186 5.59 -21.82 2.63
C LEU A 186 5.14 -20.95 3.81
N VAL A 187 5.38 -19.66 3.70
CA VAL A 187 5.03 -18.74 4.77
C VAL A 187 3.94 -17.78 4.31
N VAL A 188 2.77 -17.88 4.94
CA VAL A 188 1.68 -17.01 4.61
C VAL A 188 1.53 -15.98 5.71
N VAL A 189 1.59 -14.70 5.35
CA VAL A 189 1.28 -13.65 6.30
C VAL A 189 -0.24 -13.54 6.36
N VAL A 190 -0.77 -13.54 7.58
CA VAL A 190 -2.19 -13.34 7.81
C VAL A 190 -2.30 -12.40 8.99
N MET A 191 -3.24 -11.49 8.87
CA MET A 191 -3.52 -10.51 9.90
C MET A 191 -4.18 -11.18 11.10
N LYS A 192 -3.71 -10.88 12.32
CA LYS A 192 -4.32 -11.48 13.51
C LYS A 192 -5.65 -10.79 13.84
N ARG A 193 -6.74 -11.43 13.44
CA ARG A 193 -8.09 -10.89 13.58
C ARG A 193 -9.04 -12.06 13.75
N ASP A 194 -10.12 -11.86 14.50
CA ASP A 194 -11.11 -12.93 14.69
C ASP A 194 -11.65 -13.43 13.35
N ARG A 195 -11.74 -12.53 12.36
CA ARG A 195 -12.26 -12.88 11.04
C ARG A 195 -11.44 -13.97 10.33
N HIS A 196 -10.25 -14.26 10.86
CA HIS A 196 -9.32 -15.15 10.16
C HIS A 196 -9.05 -16.47 10.86
N ASN A 197 -9.81 -16.77 11.91
CA ASN A 197 -9.63 -18.02 12.61
C ASN A 197 -9.69 -19.21 11.68
N ASP A 198 -10.72 -19.28 10.84
CA ASP A 198 -10.89 -20.41 9.91
C ASP A 198 -9.79 -20.44 8.85
N LEU A 199 -9.48 -19.29 8.27
CA LEU A 199 -8.40 -19.20 7.30
C LEU A 199 -7.08 -19.71 7.88
N ILE A 200 -6.72 -19.19 9.04
CA ILE A 200 -5.48 -19.55 9.71
C ILE A 200 -5.41 -21.05 9.97
N GLN A 201 -6.48 -21.61 10.50
CA GLN A 201 -6.53 -23.05 10.76
C GLN A 201 -6.32 -23.85 9.47
N GLU A 202 -6.93 -23.38 8.38
CA GLU A 202 -6.84 -24.05 7.08
C GLU A 202 -5.39 -24.16 6.60
N ILE A 203 -4.66 -23.06 6.71
CA ILE A 203 -3.27 -23.00 6.28
C ILE A 203 -2.42 -23.99 7.08
N ARG A 204 -2.70 -24.08 8.38
CA ARG A 204 -2.02 -25.03 9.25
C ARG A 204 -2.32 -26.46 8.79
N ASP A 205 -3.61 -26.77 8.67
CA ASP A 205 -4.08 -28.05 8.18
C ASP A 205 -3.44 -28.43 6.85
N ALA A 206 -3.19 -27.45 6.00
CA ALA A 206 -2.54 -27.71 4.72
C ALA A 206 -1.08 -28.10 4.94
N GLY A 207 -0.53 -27.72 6.09
CA GLY A 207 0.86 -27.99 6.40
C GLY A 207 1.78 -26.78 6.37
N ALA A 208 1.29 -25.64 5.89
CA ALA A 208 2.12 -24.45 5.74
C ALA A 208 2.22 -23.64 7.04
N ARG A 209 2.88 -22.49 6.97
CA ARG A 209 3.16 -21.65 8.15
C ARG A 209 2.39 -20.34 8.14
N VAL A 210 2.02 -19.84 9.32
CA VAL A 210 1.30 -18.58 9.38
C VAL A 210 2.06 -17.53 10.19
N GLN A 211 2.44 -16.46 9.50
CA GLN A 211 3.10 -15.34 10.16
C GLN A 211 2.08 -14.27 10.48
N LEU A 212 1.74 -14.14 11.76
CA LEU A 212 0.71 -13.24 12.20
C LEU A 212 1.22 -11.81 12.34
N ILE A 213 0.50 -10.86 11.77
CA ILE A 213 0.81 -9.45 11.99
C ILE A 213 -0.37 -8.73 12.60
N SER A 214 -0.05 -7.71 13.41
CA SER A 214 -1.06 -6.94 14.08
C SER A 214 -1.60 -5.82 13.16
N ASP A 215 -0.73 -5.32 12.28
CA ASP A 215 -1.07 -4.28 11.31
C ASP A 215 -0.08 -4.31 10.14
N GLY A 216 -0.38 -3.58 9.10
CA GLY A 216 0.60 -3.35 8.04
C GLY A 216 0.69 -4.42 6.97
N ASP A 217 -0.41 -4.68 6.26
CA ASP A 217 -0.35 -5.71 5.24
C ASP A 217 0.22 -5.22 3.90
N VAL A 218 0.57 -3.94 3.80
CA VAL A 218 1.25 -3.46 2.59
C VAL A 218 2.71 -3.92 2.55
N SER A 219 3.44 -3.81 3.65
CA SER A 219 4.83 -4.27 3.63
C SER A 219 4.84 -5.80 3.49
N ALA A 220 3.79 -6.45 3.97
CA ALA A 220 3.66 -7.90 3.79
C ALA A 220 3.55 -8.26 2.31
N ALA A 221 2.62 -7.64 1.58
CA ALA A 221 2.42 -7.97 0.17
C ALA A 221 3.67 -7.66 -0.64
N LEU A 222 4.35 -6.60 -0.28
CA LEU A 222 5.56 -6.19 -0.97
C LEU A 222 6.72 -7.18 -0.73
N ALA A 223 6.75 -7.78 0.46
CA ALA A 223 7.80 -8.74 0.76
C ALA A 223 7.66 -9.97 -0.13
N CYS A 224 6.43 -10.28 -0.54
CA CYS A 224 6.19 -11.45 -1.39
C CYS A 224 6.91 -11.34 -2.72
N ALA A 225 7.22 -10.12 -3.12
CA ALA A 225 7.74 -9.92 -4.47
C ALA A 225 9.24 -10.17 -4.53
N PHE A 226 9.87 -10.30 -3.36
CA PHE A 226 11.32 -10.42 -3.25
C PHE A 226 11.77 -11.73 -2.63
N SER A 227 12.72 -12.40 -3.29
CA SER A 227 13.39 -13.53 -2.68
C SER A 227 14.37 -12.98 -1.64
N GLY A 228 14.51 -13.67 -0.53
CA GLY A 228 15.36 -13.22 0.54
C GLY A 228 14.49 -13.00 1.76
N THR A 229 13.37 -12.34 1.54
CA THR A 229 12.33 -12.31 2.56
C THR A 229 11.83 -13.73 2.68
N ASN A 230 11.35 -14.08 3.85
CA ASN A 230 10.88 -15.44 4.08
C ASN A 230 9.37 -15.44 4.04
N ILE A 231 8.84 -14.66 3.09
CA ILE A 231 7.40 -14.43 2.93
C ILE A 231 7.00 -14.84 1.53
N HIS A 232 6.02 -15.74 1.42
CA HIS A 232 5.69 -16.30 0.11
C HIS A 232 4.27 -16.00 -0.35
N ALA A 233 3.44 -15.47 0.54
CA ALA A 233 2.09 -15.03 0.16
C ALA A 233 1.43 -14.20 1.25
N LEU A 234 0.47 -13.38 0.85
CA LEU A 234 -0.43 -12.74 1.79
C LEU A 234 -1.84 -13.25 1.54
N MET A 235 -2.53 -13.66 2.61
CA MET A 235 -3.93 -14.04 2.46
C MET A 235 -4.80 -13.37 3.51
N GLY A 236 -6.07 -13.23 3.17
CA GLY A 236 -7.04 -12.71 4.11
C GLY A 236 -7.56 -11.34 3.73
N ILE A 237 -8.22 -10.71 4.69
CA ILE A 237 -8.99 -9.50 4.43
C ILE A 237 -8.33 -8.29 5.06
N GLY A 238 -8.00 -7.32 4.23
CA GLY A 238 -7.38 -6.11 4.70
C GLY A 238 -8.21 -4.90 4.30
N ALA A 239 -7.60 -3.73 4.30
CA ALA A 239 -8.31 -2.52 3.94
C ALA A 239 -8.16 -2.29 2.44
N ALA A 240 -9.24 -1.88 1.76
CA ALA A 240 -9.22 -1.77 0.31
C ALA A 240 -8.20 -0.76 -0.25
N PRO A 241 -8.15 0.49 0.27
CA PRO A 241 -7.26 1.44 -0.39
C PRO A 241 -5.81 1.03 -0.32
N GLU A 242 -5.40 0.50 0.82
CA GLU A 242 -4.08 -0.07 0.99
C GLU A 242 -3.83 -1.22 -0.02
N GLY A 243 -4.89 -1.98 -0.34
CA GLY A 243 -4.81 -3.02 -1.35
C GLY A 243 -4.38 -2.48 -2.72
N VAL A 244 -4.90 -1.32 -3.08
CA VAL A 244 -4.58 -0.73 -4.38
C VAL A 244 -3.11 -0.31 -4.46
N ILE A 245 -2.57 0.18 -3.35
CA ILE A 245 -1.17 0.57 -3.31
C ILE A 245 -0.27 -0.67 -3.49
N SER A 246 -0.65 -1.76 -2.81
CA SER A 246 0.02 -3.05 -2.95
C SER A 246 -0.06 -3.60 -4.39
N ALA A 247 -1.23 -3.45 -5.01
CA ALA A 247 -1.40 -3.91 -6.38
C ALA A 247 -0.46 -3.16 -7.31
N ALA A 248 -0.27 -1.88 -7.05
CA ALA A 248 0.58 -1.05 -7.89
C ALA A 248 2.01 -1.56 -7.84
N ALA A 249 2.46 -1.90 -6.62
CA ALA A 249 3.76 -2.53 -6.41
C ALA A 249 3.91 -3.81 -7.22
N MET A 250 2.97 -4.73 -7.05
CA MET A 250 3.02 -6.00 -7.74
C MET A 250 3.03 -5.85 -9.26
N ARG A 251 2.20 -4.96 -9.79
CA ARG A 251 2.17 -4.77 -11.23
C ARG A 251 3.54 -4.32 -11.72
N ALA A 252 4.17 -3.43 -10.97
CA ALA A 252 5.51 -2.95 -11.31
C ALA A 252 6.58 -4.05 -11.21
N LEU A 253 6.48 -4.90 -10.18
CA LEU A 253 7.44 -5.97 -9.98
C LEU A 253 7.08 -7.29 -10.68
N GLY A 254 5.87 -7.38 -11.22
CA GLY A 254 5.42 -8.58 -11.89
C GLY A 254 5.02 -9.68 -10.92
N GLY A 255 4.63 -9.29 -9.70
CA GLY A 255 4.15 -10.23 -8.71
C GLY A 255 2.65 -10.43 -8.80
N HIS A 256 2.12 -11.44 -8.13
CA HIS A 256 0.67 -11.65 -8.15
C HIS A 256 -0.05 -10.73 -7.17
N PHE A 257 -1.13 -10.11 -7.62
CA PHE A 257 -2.08 -9.50 -6.69
C PHE A 257 -3.51 -9.48 -7.24
N GLN A 258 -4.46 -9.91 -6.40
CA GLN A 258 -5.88 -9.75 -6.66
C GLN A 258 -6.61 -9.24 -5.43
N GLY A 259 -7.65 -8.44 -5.63
CA GLY A 259 -8.45 -7.97 -4.52
C GLY A 259 -9.93 -8.06 -4.82
N GLN A 260 -10.72 -8.31 -3.76
CA GLN A 260 -12.17 -8.35 -3.85
C GLN A 260 -12.79 -7.64 -2.65
N LEU A 261 -13.69 -6.69 -2.89
CA LEU A 261 -14.25 -5.91 -1.79
C LEU A 261 -15.09 -6.79 -0.87
N VAL A 262 -14.95 -6.54 0.43
CA VAL A 262 -15.79 -7.18 1.44
C VAL A 262 -16.70 -6.14 2.09
N TYR A 263 -18.01 -6.43 2.10
CA TYR A 263 -19.01 -5.45 2.50
C TYR A 263 -19.92 -5.95 3.62
N ASP A 264 -19.80 -7.23 3.94
CA ASP A 264 -20.69 -7.87 4.90
C ASP A 264 -20.07 -7.89 6.30
N PRO A 265 -20.65 -7.12 7.25
CA PRO A 265 -20.16 -6.98 8.63
C PRO A 265 -20.01 -8.32 9.36
N ALA A 266 -20.82 -9.30 9.00
CA ALA A 266 -20.73 -10.63 9.59
C ALA A 266 -19.42 -11.34 9.20
N VAL A 267 -18.83 -10.92 8.09
CA VAL A 267 -17.59 -11.53 7.63
C VAL A 267 -16.38 -10.91 8.30
N VAL A 268 -16.40 -9.59 8.50
CA VAL A 268 -15.22 -8.88 8.96
C VAL A 268 -15.12 -8.83 10.48
N MET A 269 -16.26 -8.86 11.17
CA MET A 269 -16.31 -8.98 12.63
C MET A 269 -15.51 -7.91 13.40
N THR A 270 -15.70 -6.63 13.08
CA THR A 270 -14.97 -5.57 13.76
C THR A 270 -15.92 -4.59 14.45
N LYS A 271 -15.37 -3.80 15.36
CA LYS A 271 -16.15 -2.79 16.05
C LYS A 271 -16.42 -1.60 15.13
N GLU A 272 -15.55 -1.42 14.14
CA GLU A 272 -15.75 -0.37 13.15
C GLU A 272 -17.04 -0.57 12.37
N TRP A 273 -17.45 -1.83 12.22
CA TRP A 273 -18.66 -2.15 11.48
C TRP A 273 -19.73 -2.76 12.36
N ALA A 274 -19.71 -2.42 13.65
CA ALA A 274 -20.65 -2.97 14.62
C ALA A 274 -22.06 -2.42 14.41
N ASN A 275 -22.13 -1.16 13.99
CA ASN A 275 -23.39 -0.52 13.69
C ASN A 275 -23.60 -0.38 12.18
N ARG A 276 -22.92 -1.24 11.42
CA ARG A 276 -23.11 -1.32 9.98
C ARG A 276 -23.89 -2.58 9.63
N THR A 277 -24.59 -2.54 8.51
CA THR A 277 -25.29 -3.72 8.00
C THR A 277 -24.82 -4.02 6.60
N ARG A 278 -25.00 -5.26 6.17
CA ARG A 278 -24.62 -5.69 4.83
C ARG A 278 -25.31 -4.83 3.78
N GLU A 279 -26.61 -4.62 3.96
CA GLU A 279 -27.40 -3.90 2.96
C GLU A 279 -27.07 -2.41 2.92
N GLY A 280 -26.89 -1.81 4.11
CA GLY A 280 -26.46 -0.42 4.18
C GLY A 280 -25.13 -0.23 3.47
N ASN A 281 -24.19 -1.14 3.69
CA ASN A 281 -22.89 -1.09 3.02
C ASN A 281 -23.02 -1.26 1.50
N LEU A 282 -23.90 -2.18 1.07
CA LEU A 282 -24.15 -2.39 -0.35
C LEU A 282 -24.61 -1.10 -1.03
N GLU A 283 -25.48 -0.36 -0.34
CA GLU A 283 -26.00 0.87 -0.89
C GLU A 283 -24.91 1.94 -0.95
N GLU A 284 -24.01 1.91 0.04
CA GLU A 284 -22.87 2.82 0.02
C GLU A 284 -22.01 2.54 -1.21
N LEU A 285 -21.82 1.26 -1.53
CA LEU A 285 -21.05 0.88 -2.71
C LEU A 285 -21.71 1.41 -3.99
N LYS A 286 -23.04 1.35 -4.05
CA LYS A 286 -23.77 1.88 -5.21
C LYS A 286 -23.50 3.36 -5.36
N LYS A 287 -23.53 4.09 -4.24
CA LYS A 287 -23.29 5.53 -4.24
C LYS A 287 -21.90 5.87 -4.78
N ALA A 288 -20.95 4.96 -4.58
CA ALA A 288 -19.60 5.17 -5.10
C ALA A 288 -19.54 4.87 -6.60
N GLY A 289 -20.66 4.45 -7.17
CA GLY A 289 -20.70 4.08 -8.57
C GLY A 289 -20.11 2.71 -8.85
N ILE A 290 -19.98 1.89 -7.81
CA ILE A 290 -19.57 0.50 -7.97
C ILE A 290 -20.79 -0.36 -8.23
N THR A 291 -20.86 -0.95 -9.43
CA THR A 291 -22.03 -1.75 -9.82
C THR A 291 -21.86 -3.24 -9.56
N ASP A 292 -20.61 -3.71 -9.54
CA ASP A 292 -20.37 -5.12 -9.21
C ASP A 292 -19.61 -5.24 -7.89
N PRO A 293 -20.34 -5.35 -6.77
CA PRO A 293 -19.74 -5.41 -5.43
C PRO A 293 -18.91 -6.69 -5.20
N ASP A 294 -19.15 -7.72 -6.00
CA ASP A 294 -18.50 -9.00 -5.81
C ASP A 294 -17.31 -9.18 -6.75
N LYS A 295 -17.00 -8.15 -7.52
CA LYS A 295 -15.94 -8.21 -8.52
C LYS A 295 -14.55 -8.52 -7.93
N VAL A 296 -13.86 -9.44 -8.60
CA VAL A 296 -12.47 -9.70 -8.33
C VAL A 296 -11.62 -8.80 -9.22
N TYR A 297 -10.81 -7.95 -8.62
CA TYR A 297 -9.96 -7.03 -9.36
C TYR A 297 -8.55 -7.60 -9.55
N GLU A 298 -8.13 -7.74 -10.81
CA GLU A 298 -6.75 -8.05 -11.13
C GLU A 298 -5.84 -6.89 -10.73
N ALA A 299 -4.55 -7.16 -10.58
CA ALA A 299 -3.57 -6.10 -10.28
C ALA A 299 -3.63 -5.03 -11.36
N GLU A 300 -3.82 -5.47 -12.59
CA GLU A 300 -3.83 -4.57 -13.73
C GLU A 300 -5.11 -3.76 -13.79
N GLU A 301 -6.11 -4.11 -12.99
CA GLU A 301 -7.34 -3.35 -12.93
C GLU A 301 -7.25 -2.33 -11.79
N LEU A 302 -6.56 -2.71 -10.73
CA LEU A 302 -6.39 -1.81 -9.59
C LEU A 302 -5.38 -0.71 -9.89
N ALA A 303 -4.30 -1.10 -10.56
CA ALA A 303 -3.32 -0.15 -11.06
C ALA A 303 -3.25 -0.35 -12.56
N SER A 304 -4.04 0.43 -13.30
CA SER A 304 -4.29 0.13 -14.71
C SER A 304 -3.63 1.10 -15.68
N GLY A 305 -3.03 2.16 -15.17
CA GLY A 305 -2.45 3.17 -16.05
C GLY A 305 -1.27 2.66 -16.85
N GLU A 306 -0.85 3.46 -17.83
CA GLU A 306 0.33 3.18 -18.66
C GLU A 306 1.62 3.08 -17.83
N THR A 307 1.78 4.02 -16.90
CA THR A 307 2.97 4.15 -16.10
C THR A 307 2.61 3.92 -14.64
N VAL A 308 3.44 3.18 -13.92
CA VAL A 308 3.23 3.04 -12.50
C VAL A 308 4.49 3.39 -11.75
N LEU A 309 4.36 4.27 -10.77
CA LEU A 309 5.44 4.55 -9.84
C LEU A 309 5.03 4.06 -8.45
N PHE A 310 6.00 3.56 -7.70
CA PHE A 310 5.78 3.08 -6.35
C PHE A 310 7.00 3.46 -5.52
N ALA A 311 6.75 4.00 -4.34
CA ALA A 311 7.81 4.39 -3.42
C ALA A 311 7.46 3.98 -2.01
N ALA A 312 8.47 3.48 -1.31
CA ALA A 312 8.30 3.14 0.09
C ALA A 312 9.55 3.52 0.87
N CYS A 313 9.37 3.94 2.11
CA CYS A 313 10.49 4.18 3.01
C CYS A 313 10.13 3.64 4.39
N GLY A 314 11.05 2.89 4.98
CA GLY A 314 10.79 2.25 6.25
C GLY A 314 10.67 3.25 7.38
N ILE A 315 9.71 3.02 8.27
CA ILE A 315 9.56 3.83 9.47
C ILE A 315 10.09 3.05 10.68
N THR A 316 9.53 1.87 10.91
CA THR A 316 10.12 0.88 11.82
C THR A 316 10.71 -0.23 10.93
N PRO A 317 11.53 -1.11 11.50
CA PRO A 317 12.14 -2.15 10.65
C PRO A 317 11.14 -3.06 9.95
N GLY A 318 11.40 -3.42 8.69
CA GLY A 318 10.61 -4.41 7.98
C GLY A 318 11.56 -5.45 7.41
N MET A 319 11.10 -6.28 6.48
CA MET A 319 12.00 -7.28 5.92
C MET A 319 12.84 -6.74 4.76
N LEU A 320 12.44 -5.60 4.19
CA LEU A 320 13.16 -5.04 3.05
C LEU A 320 13.95 -3.80 3.42
N MET A 321 13.39 -2.99 4.31
CA MET A 321 14.02 -1.73 4.72
C MET A 321 14.17 -1.60 6.23
N LYS A 322 15.25 -0.96 6.66
CA LYS A 322 15.39 -0.66 8.08
C LYS A 322 14.47 0.50 8.40
N GLY A 323 14.17 0.66 9.69
CA GLY A 323 13.39 1.80 10.12
C GLY A 323 14.26 3.04 10.09
N VAL A 324 13.69 4.18 10.38
CA VAL A 324 14.51 5.37 10.48
C VAL A 324 15.34 5.31 11.73
N ARG A 325 16.63 5.56 11.57
CA ARG A 325 17.54 5.66 12.69
C ARG A 325 18.00 7.10 12.87
N PHE A 326 17.91 7.61 14.08
CA PHE A 326 18.36 8.96 14.39
C PHE A 326 19.71 8.91 15.06
N PHE A 327 20.49 9.96 14.87
CA PHE A 327 21.77 10.09 15.55
C PHE A 327 22.01 11.57 15.82
N LYS A 328 23.02 11.87 16.62
CA LYS A 328 23.38 13.25 16.93
C LYS A 328 23.59 14.04 15.65
N GLY A 329 22.66 14.94 15.35
CA GLY A 329 22.75 15.76 14.16
C GLY A 329 22.04 15.29 12.89
N GLY A 330 21.43 14.11 12.91
CA GLY A 330 20.75 13.63 11.70
C GLY A 330 19.93 12.35 11.77
N ALA A 331 19.64 11.78 10.61
CA ALA A 331 18.89 10.54 10.50
C ALA A 331 19.33 9.73 9.29
N ARG A 332 19.03 8.44 9.32
CA ARG A 332 19.36 7.58 8.22
C ARG A 332 18.11 6.82 7.79
N THR A 333 17.81 6.90 6.50
CA THR A 333 16.62 6.23 5.96
C THR A 333 16.94 5.20 4.90
N GLN A 334 16.06 4.21 4.76
CA GLN A 334 16.16 3.30 3.64
C GLN A 334 14.85 3.29 2.85
N SER A 335 14.97 3.41 1.55
CA SER A 335 13.83 3.52 0.66
C SER A 335 13.92 2.60 -0.54
N LEU A 336 12.74 2.22 -1.04
CA LEU A 336 12.58 1.45 -2.25
C LEU A 336 11.68 2.19 -3.25
N VAL A 337 12.22 2.47 -4.44
CA VAL A 337 11.48 3.19 -5.46
C VAL A 337 11.52 2.44 -6.79
N ILE A 338 10.32 2.19 -7.33
CA ILE A 338 10.12 1.36 -8.51
C ILE A 338 9.41 2.15 -9.62
N SER A 339 9.99 2.13 -10.83
CA SER A 339 9.40 2.86 -11.96
C SER A 339 9.26 1.98 -13.21
N THR A 340 8.05 1.84 -13.74
CA THR A 340 7.86 1.13 -15.00
C THR A 340 8.28 2.02 -16.16
N GLN A 341 8.48 3.30 -15.90
CA GLN A 341 8.92 4.20 -16.95
C GLN A 341 10.46 4.10 -17.15
N SER A 342 11.24 4.22 -16.08
CA SER A 342 12.69 4.00 -16.23
C SER A 342 13.09 2.51 -16.12
N LYS A 343 12.13 1.64 -15.83
CA LYS A 343 12.38 0.21 -15.65
C LYS A 343 13.49 -0.02 -14.62
N THR A 344 13.35 0.63 -13.46
CA THR A 344 14.33 0.50 -12.39
C THR A 344 13.68 0.18 -11.05
N ALA A 345 14.35 -0.70 -10.31
CA ALA A 345 14.06 -0.91 -8.90
C ALA A 345 15.25 -0.38 -8.11
N ARG A 346 14.99 0.58 -7.26
CA ARG A 346 16.03 1.42 -6.73
C ARG A 346 15.97 1.46 -5.22
N PHE A 347 16.99 0.87 -4.59
CA PHE A 347 17.12 0.89 -3.13
C PHE A 347 17.99 2.08 -2.74
N VAL A 348 17.50 2.93 -1.85
CA VAL A 348 18.18 4.18 -1.50
C VAL A 348 18.44 4.32 0.01
N ASP A 349 19.72 4.38 0.40
CA ASP A 349 20.13 4.56 1.79
C ASP A 349 20.68 5.98 1.98
N THR A 350 19.95 6.81 2.70
CA THR A 350 20.27 8.23 2.77
C THR A 350 20.64 8.69 4.16
N ILE A 351 21.75 9.42 4.26
CA ILE A 351 22.12 10.06 5.49
C ILE A 351 21.73 11.53 5.43
N HIS A 352 20.81 11.93 6.30
CA HIS A 352 20.33 13.30 6.32
C HIS A 352 21.04 14.06 7.41
N MET A 353 21.62 15.20 7.07
CA MET A 353 22.22 16.03 8.11
C MET A 353 21.31 17.19 8.46
N PHE A 354 21.09 17.38 9.76
CA PHE A 354 20.31 18.49 10.25
C PHE A 354 21.24 19.56 10.81
#